data_7WWC
#
_entry.id   7WWC
#
_cell.length_a   120.648
_cell.length_b   120.648
_cell.length_c   69.966
_cell.angle_alpha   90.000
_cell.angle_beta   90.000
_cell.angle_gamma   120.000
#
_symmetry.space_group_name_H-M   'P 31 2 1'
#
loop_
_entity.id
_entity.type
_entity.pdbx_description
1 polymer beta-1,3(4)-glucanase
2 branched beta-D-glucopyranose-(1-3)-beta-D-glucopyranose
3 branched beta-D-glucopyranose-(1-3)-beta-D-glucopyranose-(1-3)-beta-D-glucopyranose
4 water water
#
_entity_poly.entity_id   1
_entity_poly.type   'polypeptide(L)'
_entity_poly.pdbx_seq_one_letter_code
;FNWNKNQVIAHRGAWKKNNFPQNSIASLNEAVKLGCYGSEFDVWMTADHILVVNHDPEFQGLTIEKVNYADLLTKTMSNG
EKIPTLEAYLLAGKKQKSTKLILEIKPSLISKERGIEVTNKCVEMVQKLKVTDWVEYISFDYDYCKRILTLLPNAKVAYL
KGEVSAEQMKADKLTGVDYHYSVYQKDNWIENAQKLGLTVNAWTVNAVPEMQWLLAHNVDYITTNEPELLFDEIKKAPVA
QGWKLKWADEFDNSGLPLNKNWGYDVGGRGWGNNELQYYTDADSANAIVKKGNLNIIALKAEKENRHYTSARLVTKNKFD
FKYGRVEVRAMLPKGRGLWPAIWALPTDSKYGSWPKSGEIDIMEHVGFDPDSVHGTVHTEKFNHVIHTQVGKALKVNNPY
TEYHIYAIEWFTDHIDFFIDDQKYLTFKNTQKGSGDWPFDQNFHILNLAVGGNWGGKKGVDDAIFPATMKVDYVRVFQK
;
_entity_poly.pdbx_strand_id   A
#
loop_
_chem_comp.id
_chem_comp.type
_chem_comp.name
_chem_comp.formula
BGC D-saccharide, beta linking beta-D-glucopyranose 'C6 H12 O6'
#
# COMPACT_ATOMS: atom_id res chain seq x y z
N PHE A 1 8.26 -26.61 17.04
CA PHE A 1 7.81 -25.64 16.04
C PHE A 1 8.86 -24.55 15.79
N ASN A 2 9.27 -24.39 14.53
CA ASN A 2 10.08 -23.23 14.15
C ASN A 2 9.30 -22.31 13.21
N TRP A 3 8.20 -21.76 13.72
CA TRP A 3 7.26 -21.00 12.90
C TRP A 3 7.95 -19.85 12.16
N ASN A 4 7.58 -19.67 10.90
CA ASN A 4 8.02 -18.51 10.14
C ASN A 4 7.23 -17.29 10.57
N LYS A 5 7.92 -16.19 10.81
CA LYS A 5 7.26 -15.02 11.38
C LYS A 5 7.20 -13.87 10.39
N ASN A 6 6.68 -14.13 9.20
CA ASN A 6 6.58 -13.12 8.17
C ASN A 6 5.12 -12.97 7.74
N GLN A 7 4.88 -12.07 6.78
CA GLN A 7 3.54 -11.69 6.36
C GLN A 7 3.04 -12.49 5.16
N VAL A 8 3.86 -13.36 4.59
CA VAL A 8 3.52 -14.00 3.32
C VAL A 8 2.60 -15.19 3.55
N ILE A 9 1.45 -15.19 2.89
CA ILE A 9 0.55 -16.33 2.81
C ILE A 9 0.43 -16.71 1.34
N ALA A 10 0.72 -17.97 1.01
CA ALA A 10 0.76 -18.40 -0.38
C ALA A 10 -0.64 -18.82 -0.80
N HIS A 11 -1.25 -18.04 -1.70
CA HIS A 11 -2.62 -18.26 -2.12
C HIS A 11 -2.70 -19.53 -2.96
N ARG A 12 -3.38 -20.55 -2.42
CA ARG A 12 -3.50 -21.87 -3.06
C ARG A 12 -2.15 -22.59 -3.13
N GLY A 13 -1.28 -22.38 -2.14
CA GLY A 13 0.07 -22.87 -2.20
C GLY A 13 0.90 -21.99 -3.13
N ALA A 14 2.21 -22.26 -3.14
CA ALA A 14 3.13 -21.52 -4.01
C ALA A 14 3.12 -22.24 -5.35
N TRP A 15 2.16 -21.91 -6.20
CA TRP A 15 1.90 -22.67 -7.41
C TRP A 15 2.39 -22.00 -8.69
N LYS A 16 2.37 -20.67 -8.76
CA LYS A 16 2.47 -19.99 -10.06
C LYS A 16 3.89 -20.05 -10.63
N LYS A 17 4.90 -19.73 -9.81
CA LYS A 17 6.27 -19.62 -10.30
C LYS A 17 6.70 -20.92 -11.00
N ASN A 18 6.60 -22.04 -10.28
CA ASN A 18 7.04 -23.34 -10.80
C ASN A 18 5.93 -24.10 -11.50
N ASN A 19 4.88 -23.41 -11.92
CA ASN A 19 3.84 -23.97 -12.78
C ASN A 19 3.21 -25.23 -12.19
N PHE A 20 3.10 -25.30 -10.86
CA PHE A 20 2.38 -26.36 -10.17
C PHE A 20 0.88 -26.15 -10.27
N PRO A 21 0.08 -27.18 -10.07
CA PRO A 21 -1.38 -26.97 -10.02
C PRO A 21 -1.80 -26.30 -8.72
N GLN A 22 -2.85 -25.49 -8.80
CA GLN A 22 -3.36 -24.80 -7.62
C GLN A 22 -3.91 -25.79 -6.61
N ASN A 23 -3.72 -25.49 -5.31
CA ASN A 23 -4.33 -26.26 -4.23
C ASN A 23 -3.86 -27.72 -4.28
N SER A 24 -2.54 -27.89 -4.37
CA SER A 24 -1.93 -29.19 -4.58
C SER A 24 -0.86 -29.39 -3.52
N ILE A 25 -0.48 -30.66 -3.36
CA ILE A 25 0.64 -31.02 -2.49
C ILE A 25 1.90 -30.33 -2.98
N ALA A 26 2.13 -30.34 -4.30
CA ALA A 26 3.29 -29.67 -4.85
C ALA A 26 3.30 -28.20 -4.47
N SER A 27 2.16 -27.51 -4.66
CA SER A 27 2.13 -26.06 -4.36
C SER A 27 2.27 -25.81 -2.86
N LEU A 28 1.71 -26.69 -2.01
CA LEU A 28 1.89 -26.53 -0.57
C LEU A 28 3.35 -26.73 -0.17
N ASN A 29 4.01 -27.75 -0.72
CA ASN A 29 5.41 -27.99 -0.34
C ASN A 29 6.28 -26.84 -0.81
N GLU A 30 6.01 -26.32 -2.01
CA GLU A 30 6.75 -25.16 -2.49
C GLU A 30 6.58 -23.98 -1.54
N ALA A 31 5.38 -23.82 -0.96
CA ALA A 31 5.16 -22.77 0.01
C ALA A 31 5.97 -22.99 1.29
N VAL A 32 6.16 -24.26 1.66
CA VAL A 32 6.99 -24.58 2.82
C VAL A 32 8.46 -24.24 2.54
N LYS A 33 8.94 -24.63 1.35
CA LYS A 33 10.30 -24.31 0.91
C LYS A 33 10.59 -22.82 0.95
N LEU A 34 9.63 -21.99 0.52
CA LEU A 34 9.90 -20.55 0.45
C LEU A 34 9.97 -19.91 1.83
N GLY A 35 9.50 -20.59 2.87
CA GLY A 35 9.41 -19.96 4.19
C GLY A 35 8.21 -19.05 4.40
N CYS A 36 7.10 -19.31 3.70
CA CYS A 36 5.89 -18.51 3.89
C CYS A 36 5.37 -18.65 5.31
N TYR A 37 4.78 -17.58 5.84
CA TYR A 37 4.07 -17.71 7.10
C TYR A 37 3.03 -18.82 7.01
N GLY A 38 2.32 -18.90 5.88
CA GLY A 38 1.21 -19.81 5.76
C GLY A 38 1.03 -20.19 4.31
N SER A 39 0.28 -21.27 4.12
CA SER A 39 -0.09 -21.77 2.81
C SER A 39 -1.61 -21.96 2.85
N GLU A 40 -2.31 -21.42 1.85
CA GLU A 40 -3.76 -21.23 1.91
C GLU A 40 -4.44 -22.20 0.95
N PHE A 41 -5.57 -22.77 1.35
CA PHE A 41 -6.22 -23.77 0.50
C PHE A 41 -7.73 -23.77 0.77
N ASP A 42 -8.47 -24.46 -0.09
CA ASP A 42 -9.93 -24.38 -0.13
C ASP A 42 -10.56 -25.77 0.03
N VAL A 43 -11.57 -25.88 0.88
CA VAL A 43 -12.15 -27.17 1.25
C VAL A 43 -13.62 -27.23 0.84
N TRP A 44 -13.97 -28.28 0.10
CA TRP A 44 -15.32 -28.75 -0.20
C TRP A 44 -15.51 -30.18 0.31
N MET A 45 -16.76 -30.66 0.29
CA MET A 45 -17.07 -32.00 0.74
C MET A 45 -17.89 -32.73 -0.34
N THR A 46 -17.46 -33.96 -0.66
CA THR A 46 -18.10 -34.76 -1.70
C THR A 46 -19.48 -35.19 -1.25
N ALA A 47 -20.24 -35.77 -2.19
CA ALA A 47 -21.54 -36.32 -1.83
C ALA A 47 -21.42 -37.42 -0.79
N ASP A 48 -20.35 -38.22 -0.85
CA ASP A 48 -20.12 -39.22 0.19
C ASP A 48 -19.27 -38.68 1.34
N HIS A 49 -19.23 -37.36 1.50
CA HIS A 49 -18.81 -36.72 2.75
C HIS A 49 -17.32 -36.89 3.02
N ILE A 50 -16.51 -36.86 1.97
CA ILE A 50 -15.06 -36.82 2.10
C ILE A 50 -14.59 -35.40 1.78
N LEU A 51 -13.81 -34.81 2.68
CA LEU A 51 -13.30 -33.47 2.47
C LEU A 51 -12.17 -33.50 1.45
N VAL A 52 -12.24 -32.62 0.45
CA VAL A 52 -11.23 -32.53 -0.60
C VAL A 52 -10.86 -31.06 -0.79
N VAL A 53 -9.79 -30.85 -1.54
CA VAL A 53 -9.17 -29.53 -1.66
C VAL A 53 -9.25 -29.08 -3.12
N ASN A 54 -9.98 -27.98 -3.36
CA ASN A 54 -10.15 -27.40 -4.69
C ASN A 54 -10.82 -26.04 -4.53
N HIS A 55 -10.40 -25.05 -5.33
CA HIS A 55 -11.07 -23.75 -5.24
C HIS A 55 -12.47 -23.81 -5.81
N ASP A 56 -12.62 -24.20 -7.09
CA ASP A 56 -13.90 -24.20 -7.77
C ASP A 56 -14.85 -25.29 -7.22
N PRO A 57 -16.16 -25.10 -7.40
CA PRO A 57 -17.11 -26.18 -7.02
C PRO A 57 -17.09 -27.36 -7.98
N GLU A 58 -16.64 -27.16 -9.23
CA GLU A 58 -16.46 -28.22 -10.20
C GLU A 58 -14.98 -28.50 -10.31
N PHE A 59 -14.59 -29.75 -10.07
CA PHE A 59 -13.25 -30.23 -10.34
C PHE A 59 -13.26 -30.90 -11.71
N GLN A 60 -12.69 -30.22 -12.71
CA GLN A 60 -12.65 -30.70 -14.09
C GLN A 60 -14.03 -31.15 -14.57
N GLY A 61 -15.03 -30.32 -14.26
CA GLY A 61 -16.37 -30.53 -14.74
C GLY A 61 -17.26 -31.34 -13.82
N LEU A 62 -16.70 -31.94 -12.78
CA LEU A 62 -17.46 -32.74 -11.82
C LEU A 62 -17.83 -31.87 -10.62
N THR A 63 -19.12 -31.79 -10.31
CA THR A 63 -19.56 -31.02 -9.15
C THR A 63 -19.25 -31.79 -7.87
N ILE A 64 -18.17 -31.38 -7.20
CA ILE A 64 -17.66 -32.01 -5.98
C ILE A 64 -18.76 -32.41 -5.02
N GLU A 65 -19.65 -31.47 -4.67
CA GLU A 65 -20.62 -31.77 -3.64
C GLU A 65 -21.67 -32.78 -4.08
N LYS A 66 -21.75 -33.09 -5.38
CA LYS A 66 -22.76 -33.97 -5.92
C LYS A 66 -22.21 -35.28 -6.50
N VAL A 67 -20.90 -35.55 -6.33
CA VAL A 67 -20.29 -36.77 -6.84
C VAL A 67 -19.50 -37.44 -5.71
N ASN A 68 -19.22 -38.74 -5.89
CA ASN A 68 -18.41 -39.46 -4.93
C ASN A 68 -16.94 -39.14 -5.15
N TYR A 69 -16.18 -39.16 -4.06
CA TYR A 69 -14.73 -39.00 -4.18
C TYR A 69 -14.14 -39.94 -5.23
N ALA A 70 -14.58 -41.20 -5.23
CA ALA A 70 -14.14 -42.14 -6.26
C ALA A 70 -14.34 -41.58 -7.68
N ASP A 71 -15.47 -40.88 -7.91
CA ASP A 71 -15.73 -40.26 -9.21
C ASP A 71 -14.67 -39.21 -9.55
N LEU A 72 -14.19 -38.47 -8.55
CA LEU A 72 -13.21 -37.42 -8.81
C LEU A 72 -11.84 -37.99 -9.16
N LEU A 73 -11.58 -39.25 -8.79
CA LEU A 73 -10.30 -39.92 -9.06
C LEU A 73 -10.13 -40.30 -10.52
N THR A 74 -11.21 -40.26 -11.31
CA THR A 74 -11.08 -40.39 -12.76
C THR A 74 -10.43 -39.17 -13.40
N LYS A 75 -10.07 -38.13 -12.63
CA LYS A 75 -9.39 -36.94 -13.17
C LYS A 75 -8.01 -36.80 -12.53
N THR A 76 -7.11 -36.17 -13.28
CA THR A 76 -5.72 -36.00 -12.88
C THR A 76 -5.30 -34.56 -13.13
N MET A 77 -4.57 -33.99 -12.16
CA MET A 77 -4.10 -32.62 -12.30
C MET A 77 -2.85 -32.57 -13.18
N SER A 78 -2.41 -31.34 -13.47
CA SER A 78 -1.40 -31.12 -14.49
C SER A 78 -0.10 -31.85 -14.19
N ASN A 79 0.31 -31.90 -12.92
CA ASN A 79 1.52 -32.60 -12.52
C ASN A 79 1.28 -34.08 -12.21
N GLY A 80 0.13 -34.62 -12.58
CA GLY A 80 -0.19 -35.99 -12.26
C GLY A 80 -0.93 -36.21 -10.95
N GLU A 81 -0.99 -35.23 -10.06
CA GLU A 81 -1.69 -35.44 -8.79
C GLU A 81 -3.18 -35.65 -9.02
N LYS A 82 -3.80 -36.39 -8.11
CA LYS A 82 -5.25 -36.39 -8.00
C LYS A 82 -5.69 -35.24 -7.11
N ILE A 83 -7.00 -34.98 -7.08
CA ILE A 83 -7.55 -33.99 -6.16
C ILE A 83 -7.15 -34.41 -4.75
N PRO A 84 -6.44 -33.58 -4.00
CA PRO A 84 -6.06 -34.00 -2.65
C PRO A 84 -7.28 -34.04 -1.74
N THR A 85 -7.32 -35.04 -0.88
CA THR A 85 -8.21 -35.01 0.27
C THR A 85 -7.65 -34.04 1.28
N LEU A 86 -8.53 -33.53 2.14
CA LEU A 86 -8.07 -32.67 3.22
C LEU A 86 -7.10 -33.42 4.11
N GLU A 87 -7.40 -34.69 4.38
CA GLU A 87 -6.56 -35.52 5.24
C GLU A 87 -5.14 -35.58 4.69
N ALA A 88 -5.02 -35.92 3.40
CA ALA A 88 -3.71 -35.94 2.75
C ALA A 88 -3.03 -34.58 2.83
N TYR A 89 -3.80 -33.50 2.69
CA TYR A 89 -3.20 -32.17 2.77
C TYR A 89 -2.69 -31.90 4.18
N LEU A 90 -3.52 -32.18 5.19
CA LEU A 90 -3.11 -31.92 6.57
C LEU A 90 -1.94 -32.81 6.99
N LEU A 91 -1.90 -34.05 6.50
CA LEU A 91 -0.76 -34.91 6.84
C LEU A 91 0.50 -34.46 6.11
N ALA A 92 0.36 -33.94 4.90
CA ALA A 92 1.55 -33.44 4.23
C ALA A 92 2.10 -32.22 4.96
N GLY A 93 1.22 -31.33 5.41
CA GLY A 93 1.67 -30.17 6.17
C GLY A 93 2.19 -30.55 7.55
N LYS A 94 1.73 -31.68 8.08
CA LYS A 94 2.20 -32.12 9.39
C LYS A 94 3.69 -32.47 9.39
N LYS A 95 4.23 -32.87 8.23
CA LYS A 95 5.62 -33.29 8.08
C LYS A 95 6.62 -32.15 8.24
N GLN A 96 6.15 -30.93 8.53
CA GLN A 96 6.99 -29.75 8.69
C GLN A 96 6.33 -28.85 9.74
N LYS A 97 7.12 -27.93 10.31
CA LYS A 97 6.66 -27.17 11.48
C LYS A 97 7.09 -25.72 11.41
N SER A 98 7.02 -25.13 10.23
CA SER A 98 7.48 -23.75 10.09
C SER A 98 6.42 -22.87 9.45
N THR A 99 5.52 -23.43 8.65
CA THR A 99 4.49 -22.64 7.98
C THR A 99 3.11 -23.17 8.37
N LYS A 100 2.19 -22.23 8.63
CA LYS A 100 0.83 -22.56 9.03
C LYS A 100 0.03 -23.09 7.82
N LEU A 101 -1.15 -23.62 8.11
CA LEU A 101 -2.03 -24.17 7.08
C LEU A 101 -3.34 -23.41 7.19
N ILE A 102 -3.61 -22.55 6.21
CA ILE A 102 -4.70 -21.60 6.27
C ILE A 102 -5.88 -22.23 5.52
N LEU A 103 -6.85 -22.70 6.28
CA LEU A 103 -7.91 -23.56 5.76
C LEU A 103 -9.13 -22.70 5.47
N GLU A 104 -9.60 -22.74 4.22
CA GLU A 104 -10.80 -22.02 3.83
C GLU A 104 -11.92 -23.02 3.62
N ILE A 105 -13.01 -22.87 4.37
CA ILE A 105 -14.23 -23.63 4.10
C ILE A 105 -15.11 -22.84 3.14
N LYS A 106 -15.34 -23.39 1.98
CA LYS A 106 -16.15 -22.78 0.96
C LYS A 106 -17.62 -22.89 1.34
N PRO A 107 -18.40 -21.83 1.13
CA PRO A 107 -19.84 -21.91 1.39
C PRO A 107 -20.46 -22.97 0.49
N SER A 108 -21.32 -23.80 1.08
CA SER A 108 -21.92 -24.88 0.31
C SER A 108 -22.92 -24.33 -0.70
N LEU A 109 -22.91 -24.89 -1.90
CA LEU A 109 -23.92 -24.56 -2.91
C LEU A 109 -25.20 -25.35 -2.73
N ILE A 110 -25.33 -26.07 -1.63
CA ILE A 110 -26.49 -26.93 -1.39
C ILE A 110 -27.37 -26.36 -0.30
N SER A 111 -26.77 -25.93 0.80
CA SER A 111 -27.55 -25.59 1.98
C SER A 111 -26.65 -25.10 3.10
N LYS A 112 -27.19 -24.24 3.97
CA LYS A 112 -26.42 -23.78 5.12
C LYS A 112 -26.14 -24.92 6.08
N GLU A 113 -27.10 -25.84 6.23
CA GLU A 113 -26.92 -26.95 7.16
C GLU A 113 -25.83 -27.89 6.66
N ARG A 114 -25.77 -28.12 5.36
CA ARG A 114 -24.67 -28.89 4.82
C ARG A 114 -23.33 -28.23 5.13
N GLY A 115 -23.24 -26.90 4.94
CA GLY A 115 -21.98 -26.22 5.15
C GLY A 115 -21.58 -26.13 6.61
N ILE A 116 -22.56 -26.08 7.51
CA ILE A 116 -22.24 -26.21 8.93
C ILE A 116 -21.71 -27.61 9.22
N GLU A 117 -22.21 -28.61 8.50
CA GLU A 117 -21.71 -29.97 8.68
C GLU A 117 -20.29 -30.10 8.15
N VAL A 118 -20.03 -29.55 6.95
CA VAL A 118 -18.68 -29.44 6.43
C VAL A 118 -17.75 -28.85 7.48
N THR A 119 -18.18 -27.77 8.10
CA THR A 119 -17.40 -27.14 9.16
C THR A 119 -17.18 -28.08 10.35
N ASN A 120 -18.22 -28.83 10.74
CA ASN A 120 -18.05 -29.80 11.82
C ASN A 120 -16.98 -30.82 11.47
N LYS A 121 -17.07 -31.37 10.27
CA LYS A 121 -16.14 -32.35 9.80
C LYS A 121 -14.73 -31.80 9.64
N CYS A 122 -14.59 -30.58 9.20
CA CYS A 122 -13.27 -29.97 9.09
C CYS A 122 -12.59 -29.91 10.46
N VAL A 123 -13.33 -29.46 11.47
CA VAL A 123 -12.75 -29.30 12.80
C VAL A 123 -12.46 -30.67 13.41
N GLU A 124 -13.34 -31.65 13.18
CA GLU A 124 -13.06 -33.00 13.67
C GLU A 124 -11.81 -33.57 13.02
N MET A 125 -11.66 -33.35 11.71
CA MET A 125 -10.50 -33.86 10.99
C MET A 125 -9.21 -33.20 11.47
N VAL A 126 -9.27 -31.92 11.84
CA VAL A 126 -8.08 -31.29 12.40
C VAL A 126 -7.75 -31.91 13.75
N GLN A 127 -8.78 -32.22 14.53
CA GLN A 127 -8.55 -32.76 15.87
C GLN A 127 -8.08 -34.22 15.80
N LYS A 128 -8.74 -35.05 15.01
CA LYS A 128 -8.32 -36.44 14.87
C LYS A 128 -6.85 -36.54 14.44
N LEU A 129 -6.42 -35.68 13.51
CA LEU A 129 -5.04 -35.68 13.06
C LEU A 129 -4.12 -34.92 14.00
N LYS A 130 -4.65 -34.36 15.08
CA LYS A 130 -3.87 -33.60 16.05
C LYS A 130 -3.07 -32.45 15.41
N VAL A 131 -3.61 -31.81 14.36
CA VAL A 131 -2.90 -30.70 13.75
C VAL A 131 -3.57 -29.39 14.11
N THR A 132 -4.17 -29.34 15.31
CA THR A 132 -4.82 -28.13 15.76
C THR A 132 -3.85 -26.95 15.81
N ASP A 133 -2.55 -27.20 15.92
CA ASP A 133 -1.58 -26.13 16.08
C ASP A 133 -1.13 -25.56 14.75
N TRP A 134 -1.31 -26.29 13.65
CA TRP A 134 -0.95 -25.80 12.34
C TRP A 134 -2.06 -24.98 11.68
N VAL A 135 -3.31 -25.22 12.04
CA VAL A 135 -4.45 -24.85 11.20
C VAL A 135 -5.07 -23.55 11.69
N GLU A 136 -5.30 -22.62 10.75
CA GLU A 136 -6.01 -21.36 10.96
C GLU A 136 -7.09 -21.26 9.89
N TYR A 137 -8.25 -20.69 10.27
CA TYR A 137 -9.46 -20.81 9.45
C TYR A 137 -9.92 -19.46 8.89
N ILE A 138 -10.39 -19.49 7.64
CA ILE A 138 -11.03 -18.35 7.02
C ILE A 138 -12.31 -18.85 6.34
N SER A 139 -13.27 -17.94 6.19
CA SER A 139 -14.51 -18.30 5.51
C SER A 139 -15.29 -17.06 5.07
N PHE A 140 -15.96 -17.20 3.94
CA PHE A 140 -16.94 -16.23 3.45
C PHE A 140 -18.27 -16.32 4.19
N ASP A 141 -18.53 -17.40 4.93
CA ASP A 141 -19.80 -17.60 5.62
C ASP A 141 -19.59 -17.28 7.08
N TYR A 142 -20.25 -16.23 7.57
CA TYR A 142 -20.06 -15.82 8.96
C TYR A 142 -20.53 -16.89 9.92
N ASP A 143 -21.52 -17.69 9.52
CA ASP A 143 -22.00 -18.75 10.41
C ASP A 143 -20.94 -19.83 10.60
N TYR A 144 -20.20 -20.18 9.54
CA TYR A 144 -19.16 -21.20 9.70
C TYR A 144 -18.06 -20.69 10.64
N CYS A 145 -17.67 -19.42 10.50
CA CYS A 145 -16.66 -18.84 11.37
C CYS A 145 -17.05 -18.99 12.83
N LYS A 146 -18.29 -18.63 13.17
CA LYS A 146 -18.74 -18.72 14.55
C LYS A 146 -18.88 -20.17 15.00
N ARG A 147 -19.24 -21.08 14.09
CA ARG A 147 -19.31 -22.50 14.44
C ARG A 147 -17.92 -23.05 14.75
N ILE A 148 -16.90 -22.67 13.97
CA ILE A 148 -15.53 -23.02 14.31
C ILE A 148 -15.20 -22.54 15.71
N LEU A 149 -15.58 -21.31 16.04
CA LEU A 149 -15.20 -20.72 17.31
C LEU A 149 -15.93 -21.40 18.48
N THR A 150 -17.16 -21.87 18.25
CA THR A 150 -17.83 -22.72 19.24
C THR A 150 -17.03 -23.99 19.50
N LEU A 151 -16.67 -24.72 18.43
CA LEU A 151 -15.98 -26.00 18.58
C LEU A 151 -14.53 -25.82 19.03
N LEU A 152 -13.87 -24.75 18.62
CA LEU A 152 -12.46 -24.53 18.99
C LEU A 152 -12.32 -23.11 19.50
N PRO A 153 -12.36 -22.90 20.83
CA PRO A 153 -12.44 -21.52 21.35
C PRO A 153 -11.17 -20.71 21.11
N ASN A 154 -10.00 -21.34 21.09
CA ASN A 154 -8.76 -20.60 20.85
C ASN A 154 -8.33 -20.65 19.39
N ALA A 155 -9.20 -21.09 18.49
CA ALA A 155 -8.84 -21.15 17.09
C ALA A 155 -8.66 -19.75 16.51
N LYS A 156 -7.71 -19.62 15.59
CA LYS A 156 -7.58 -18.41 14.79
C LYS A 156 -8.59 -18.48 13.65
N VAL A 157 -9.49 -17.51 13.60
CA VAL A 157 -10.56 -17.47 12.60
C VAL A 157 -10.71 -16.04 12.07
N ALA A 158 -10.66 -15.89 10.75
CA ALA A 158 -10.86 -14.61 10.09
C ALA A 158 -11.97 -14.73 9.05
N TYR A 159 -12.69 -13.62 8.86
CA TYR A 159 -13.87 -13.52 8.00
C TYR A 159 -13.49 -12.86 6.68
N LEU A 160 -14.06 -13.34 5.58
CA LEU A 160 -13.59 -12.95 4.25
C LEU A 160 -14.50 -12.00 3.49
N LYS A 161 -15.76 -11.83 3.92
CA LYS A 161 -16.82 -11.36 3.05
C LYS A 161 -16.95 -9.84 3.04
N GLY A 162 -16.66 -9.15 4.14
CA GLY A 162 -16.45 -7.72 4.12
C GLY A 162 -17.51 -6.86 4.78
N GLU A 163 -18.72 -7.35 5.01
CA GLU A 163 -19.86 -6.52 5.40
C GLU A 163 -20.27 -6.70 6.86
N VAL A 164 -19.31 -6.99 7.73
CA VAL A 164 -19.52 -7.08 9.18
C VAL A 164 -18.52 -6.14 9.85
N SER A 165 -18.98 -5.43 10.89
CA SER A 165 -18.14 -4.41 11.50
C SER A 165 -17.02 -5.05 12.31
N ALA A 166 -15.83 -4.46 12.23
CA ALA A 166 -14.74 -4.89 13.11
C ALA A 166 -15.20 -4.99 14.56
N GLU A 167 -16.08 -4.09 14.98
CA GLU A 167 -16.60 -4.12 16.34
C GLU A 167 -17.44 -5.37 16.60
N GLN A 168 -18.24 -5.78 15.62
CA GLN A 168 -19.05 -7.00 15.80
C GLN A 168 -18.18 -8.25 15.79
N MET A 169 -17.17 -8.28 14.92
CA MET A 169 -16.31 -9.45 14.81
C MET A 169 -15.56 -9.72 16.12
N LYS A 170 -15.02 -8.68 16.75
CA LYS A 170 -14.35 -8.89 18.03
C LYS A 170 -15.35 -9.36 19.08
N ALA A 171 -16.58 -8.85 19.02
CA ALA A 171 -17.62 -9.31 19.94
C ALA A 171 -17.85 -10.82 19.80
N ASP A 172 -17.81 -11.34 18.58
CA ASP A 172 -18.07 -12.76 18.33
C ASP A 172 -16.81 -13.62 18.39
N LYS A 173 -15.69 -13.06 18.84
CA LYS A 173 -14.43 -13.74 19.16
C LYS A 173 -13.62 -14.13 17.92
N LEU A 174 -13.94 -13.60 16.75
CA LEU A 174 -13.05 -13.76 15.60
C LEU A 174 -11.69 -13.11 15.89
N THR A 175 -10.64 -13.58 15.23
CA THR A 175 -9.31 -13.05 15.52
C THR A 175 -8.72 -12.20 14.40
N GLY A 176 -9.29 -12.21 13.21
CA GLY A 176 -8.73 -11.41 12.13
C GLY A 176 -9.81 -10.99 11.16
N VAL A 177 -9.54 -9.89 10.45
CA VAL A 177 -10.28 -9.54 9.25
C VAL A 177 -9.43 -9.98 8.05
N ASP A 178 -10.10 -10.49 6.98
CA ASP A 178 -9.39 -10.98 5.78
C ASP A 178 -10.20 -10.60 4.52
N TYR A 179 -10.23 -9.31 4.20
CA TYR A 179 -11.04 -8.82 3.10
C TYR A 179 -10.21 -8.67 1.83
N HIS A 180 -10.89 -8.73 0.67
CA HIS A 180 -10.27 -8.26 -0.57
C HIS A 180 -9.73 -6.84 -0.35
N TYR A 181 -8.60 -6.55 -1.01
CA TYR A 181 -7.82 -5.36 -0.64
C TYR A 181 -8.56 -4.07 -1.01
N SER A 182 -9.36 -4.08 -2.08
CA SER A 182 -10.19 -2.91 -2.41
C SER A 182 -11.06 -2.49 -1.24
N VAL A 183 -11.58 -3.46 -0.47
CA VAL A 183 -12.45 -3.15 0.67
C VAL A 183 -11.76 -2.19 1.64
N TYR A 184 -10.44 -2.33 1.81
CA TYR A 184 -9.73 -1.52 2.79
C TYR A 184 -9.52 -0.09 2.32
N GLN A 185 -9.71 0.17 1.03
CA GLN A 185 -9.52 1.51 0.46
C GLN A 185 -10.65 2.48 0.84
N LYS A 186 -11.36 2.20 1.93
CA LYS A 186 -12.29 3.14 2.57
C LYS A 186 -11.84 3.37 4.00
N ASP A 187 -12.42 4.41 4.61
CA ASP A 187 -11.91 5.09 5.80
C ASP A 187 -11.36 4.18 6.91
N ASN A 188 -10.02 4.12 6.99
CA ASN A 188 -9.31 3.61 8.17
C ASN A 188 -9.75 2.20 8.57
N TRP A 189 -10.09 1.38 7.58
CA TRP A 189 -10.42 -0.03 7.84
C TRP A 189 -9.29 -0.74 8.57
N ILE A 190 -8.04 -0.48 8.19
CA ILE A 190 -6.91 -1.21 8.75
C ILE A 190 -6.63 -0.77 10.18
N GLU A 191 -6.47 0.54 10.38
CA GLU A 191 -6.23 1.06 11.73
C GLU A 191 -7.36 0.68 12.68
N ASN A 192 -8.60 0.76 12.20
CA ASN A 192 -9.75 0.41 13.03
C ASN A 192 -9.62 -1.01 13.59
N ALA A 193 -9.35 -1.98 12.71
CA ALA A 193 -9.27 -3.37 13.15
C ALA A 193 -8.12 -3.59 14.12
N GLN A 194 -6.96 -3.02 13.80
CA GLN A 194 -5.80 -3.18 14.69
C GLN A 194 -6.05 -2.56 16.05
N LYS A 195 -6.75 -1.42 16.09
CA LYS A 195 -7.12 -0.83 17.37
C LYS A 195 -7.90 -1.81 18.21
N LEU A 196 -8.78 -2.58 17.58
CA LEU A 196 -9.63 -3.53 18.28
C LEU A 196 -8.94 -4.85 18.57
N GLY A 197 -7.71 -5.04 18.11
CA GLY A 197 -6.99 -6.27 18.38
C GLY A 197 -7.11 -7.37 17.34
N LEU A 198 -7.73 -7.08 16.19
CA LEU A 198 -7.84 -8.04 15.10
C LEU A 198 -6.59 -7.99 14.23
N THR A 199 -6.11 -9.15 13.80
CA THR A 199 -5.11 -9.18 12.75
C THR A 199 -5.75 -8.78 11.41
N VAL A 200 -4.90 -8.33 10.48
CA VAL A 200 -5.36 -7.86 9.19
C VAL A 200 -4.64 -8.63 8.09
N ASN A 201 -5.42 -9.26 7.22
CA ASN A 201 -4.97 -10.01 6.07
C ASN A 201 -5.68 -9.39 4.86
N ALA A 202 -5.14 -9.57 3.67
CA ALA A 202 -5.80 -9.04 2.48
C ALA A 202 -5.54 -9.98 1.33
N TRP A 203 -6.54 -10.19 0.47
CA TRP A 203 -6.35 -11.13 -0.61
C TRP A 203 -6.57 -10.48 -1.99
N THR A 204 -6.45 -11.35 -2.97
CA THR A 204 -5.23 -11.57 -3.72
C THR A 204 -4.49 -10.37 -4.26
N VAL A 205 -3.36 -10.14 -3.60
CA VAL A 205 -2.50 -8.98 -3.77
C VAL A 205 -1.31 -9.41 -4.61
N ASN A 206 -1.37 -9.16 -5.92
CA ASN A 206 -0.32 -9.62 -6.82
C ASN A 206 0.57 -8.50 -7.36
N ALA A 207 0.17 -7.24 -7.23
CA ALA A 207 0.91 -6.13 -7.81
C ALA A 207 1.68 -5.33 -6.76
N VAL A 208 2.85 -4.80 -7.18
CA VAL A 208 3.77 -4.17 -6.23
C VAL A 208 3.17 -2.95 -5.51
N PRO A 209 2.48 -2.02 -6.18
CA PRO A 209 1.94 -0.87 -5.43
C PRO A 209 1.05 -1.28 -4.26
N GLU A 210 0.15 -2.23 -4.45
CA GLU A 210 -0.70 -2.66 -3.36
C GLU A 210 0.12 -3.37 -2.27
N MET A 211 1.13 -4.17 -2.67
CA MET A 211 2.01 -4.77 -1.68
C MET A 211 2.65 -3.70 -0.80
N GLN A 212 3.28 -2.70 -1.43
CA GLN A 212 3.95 -1.64 -0.68
C GLN A 212 2.95 -0.84 0.14
N TRP A 213 1.73 -0.70 -0.35
CA TRP A 213 0.70 0.01 0.40
C TRP A 213 0.34 -0.78 1.67
N LEU A 214 0.06 -2.07 1.52
CA LEU A 214 -0.33 -2.89 2.66
C LEU A 214 0.80 -2.99 3.68
N LEU A 215 2.06 -3.05 3.22
CA LEU A 215 3.19 -3.10 4.14
C LEU A 215 3.34 -1.78 4.88
N ALA A 216 3.18 -0.65 4.17
CA ALA A 216 3.29 0.65 4.83
C ALA A 216 2.33 0.76 6.02
N HIS A 217 1.10 0.27 5.86
CA HIS A 217 0.13 0.31 6.94
C HIS A 217 0.25 -0.89 7.87
N ASN A 218 1.27 -1.72 7.69
CA ASN A 218 1.66 -2.74 8.65
C ASN A 218 0.55 -3.77 8.89
N VAL A 219 0.01 -4.31 7.80
CA VAL A 219 -0.92 -5.43 7.95
C VAL A 219 -0.14 -6.65 8.41
N ASP A 220 -0.89 -7.64 8.90
CA ASP A 220 -0.25 -8.83 9.47
C ASP A 220 0.08 -9.85 8.39
N TYR A 221 -0.81 -9.99 7.41
CA TYR A 221 -0.62 -10.99 6.36
C TYR A 221 -1.07 -10.42 5.02
N ILE A 222 -0.48 -10.97 3.96
CA ILE A 222 -0.88 -10.67 2.60
C ILE A 222 -0.99 -11.99 1.83
N THR A 223 -2.19 -12.30 1.36
CA THR A 223 -2.43 -13.50 0.56
C THR A 223 -2.15 -13.18 -0.92
N THR A 224 -1.20 -13.89 -1.53
CA THR A 224 -0.75 -13.52 -2.86
C THR A 224 -0.44 -14.75 -3.70
N ASN A 225 -0.67 -14.64 -5.01
CA ASN A 225 -0.14 -15.59 -5.98
C ASN A 225 1.33 -15.34 -6.29
N GLU A 226 1.93 -14.28 -5.75
CA GLU A 226 3.31 -13.90 -6.07
C GLU A 226 4.15 -13.86 -4.81
N PRO A 227 4.24 -14.97 -4.07
CA PRO A 227 4.94 -14.91 -2.78
C PRO A 227 6.41 -14.57 -2.91
N GLU A 228 7.06 -14.99 -4.00
CA GLU A 228 8.48 -14.69 -4.15
C GLU A 228 8.71 -13.19 -4.37
N LEU A 229 7.90 -12.58 -5.25
CA LEU A 229 7.91 -11.13 -5.37
C LEU A 229 7.58 -10.45 -4.04
N LEU A 230 6.70 -11.05 -3.23
CA LEU A 230 6.34 -10.41 -1.98
C LEU A 230 7.51 -10.38 -0.99
N PHE A 231 8.24 -11.51 -0.88
CA PHE A 231 9.45 -11.52 -0.06
C PHE A 231 10.44 -10.44 -0.50
N ASP A 232 10.68 -10.33 -1.81
CA ASP A 232 11.50 -9.24 -2.32
C ASP A 232 10.98 -7.88 -1.87
N GLU A 233 9.67 -7.66 -2.00
CA GLU A 233 9.10 -6.36 -1.61
C GLU A 233 9.20 -6.13 -0.10
N ILE A 234 9.14 -7.19 0.71
CA ILE A 234 9.28 -7.01 2.15
C ILE A 234 10.68 -6.55 2.51
N LYS A 235 11.69 -7.10 1.81
CA LYS A 235 13.08 -6.72 2.10
C LYS A 235 13.34 -5.24 1.85
N LYS A 236 12.74 -4.69 0.79
CA LYS A 236 13.03 -3.32 0.37
C LYS A 236 12.04 -2.30 0.95
N ALA A 237 11.04 -2.74 1.81
CA ALA A 237 10.03 -1.81 2.31
C ALA A 237 10.54 -1.07 3.53
N PRO A 238 10.02 0.14 3.78
CA PRO A 238 10.51 0.92 4.92
C PRO A 238 10.34 0.26 6.27
N VAL A 239 9.40 -0.67 6.44
CA VAL A 239 9.28 -1.32 7.74
C VAL A 239 10.46 -2.25 8.00
N ALA A 240 11.05 -2.83 6.96
CA ALA A 240 12.22 -3.69 7.15
C ALA A 240 13.37 -2.94 7.80
N GLN A 241 13.46 -1.63 7.63
CA GLN A 241 14.53 -0.84 8.24
C GLN A 241 14.12 -0.19 9.54
N GLY A 242 12.96 -0.56 10.09
CA GLY A 242 12.49 0.06 11.31
C GLY A 242 11.61 1.28 11.14
N TRP A 243 11.23 1.65 9.91
CA TRP A 243 10.32 2.78 9.76
C TRP A 243 8.90 2.35 10.13
N LYS A 244 8.21 3.20 10.87
CA LYS A 244 6.80 3.01 11.19
C LYS A 244 5.99 4.17 10.61
N LEU A 245 4.90 3.85 9.92
CA LEU A 245 4.02 4.86 9.34
C LEU A 245 3.40 5.73 10.42
N LYS A 246 3.62 7.04 10.33
CA LYS A 246 2.99 8.00 11.23
C LYS A 246 1.77 8.68 10.63
N TRP A 247 1.75 8.90 9.32
CA TRP A 247 0.68 9.66 8.70
C TRP A 247 0.65 9.31 7.23
N ALA A 248 -0.54 9.17 6.67
CA ALA A 248 -0.66 8.92 5.26
C ALA A 248 -1.90 9.61 4.72
N ASP A 249 -1.85 10.03 3.44
CA ASP A 249 -3.05 10.27 2.66
C ASP A 249 -2.90 9.42 1.40
N GLU A 250 -3.68 8.34 1.32
CA GLU A 250 -3.69 7.49 0.15
C GLU A 250 -4.64 8.00 -0.93
N PHE A 251 -5.32 9.11 -0.67
CA PHE A 251 -6.21 9.76 -1.64
C PHE A 251 -7.26 8.78 -2.15
N ASP A 252 -7.89 8.10 -1.21
CA ASP A 252 -8.94 7.15 -1.52
C ASP A 252 -10.32 7.74 -1.33
N ASN A 253 -10.40 8.98 -0.84
CA ASN A 253 -11.64 9.73 -0.84
C ASN A 253 -11.95 10.26 -2.23
N SER A 254 -13.19 10.69 -2.42
CA SER A 254 -13.61 11.32 -3.65
C SER A 254 -14.05 12.74 -3.35
N GLY A 255 -13.60 13.69 -4.18
CA GLY A 255 -13.96 15.08 -4.04
C GLY A 255 -12.73 15.95 -3.78
N LEU A 256 -12.91 16.94 -2.90
CA LEU A 256 -11.83 17.85 -2.55
C LEU A 256 -10.87 17.16 -1.57
N PRO A 257 -9.60 17.56 -1.57
CA PRO A 257 -8.65 16.97 -0.61
C PRO A 257 -9.18 17.13 0.80
N LEU A 258 -8.91 16.13 1.64
CA LEU A 258 -9.44 16.10 2.99
C LEU A 258 -9.02 17.34 3.79
N ASN A 259 -10.00 17.97 4.44
CA ASN A 259 -9.68 19.15 5.26
C ASN A 259 -8.86 18.79 6.49
N LYS A 260 -8.95 17.54 6.97
CA LYS A 260 -8.13 17.15 8.12
C LYS A 260 -6.65 17.02 7.76
N ASN A 261 -6.34 16.90 6.47
CA ASN A 261 -4.97 16.73 6.00
C ASN A 261 -4.38 17.94 5.26
N TRP A 262 -5.21 18.73 4.54
CA TRP A 262 -4.69 19.74 3.62
C TRP A 262 -5.37 21.09 3.81
N GLY A 263 -4.57 22.15 3.78
CA GLY A 263 -5.06 23.51 3.63
C GLY A 263 -4.61 24.10 2.30
N TYR A 264 -5.19 25.24 1.95
CA TYR A 264 -4.86 25.87 0.68
C TYR A 264 -4.03 27.12 0.90
N ASP A 265 -2.96 27.26 0.12
CA ASP A 265 -2.31 28.54 -0.11
C ASP A 265 -3.03 29.21 -1.26
N VAL A 266 -3.47 30.44 -1.05
CA VAL A 266 -4.40 31.10 -1.95
C VAL A 266 -3.82 32.45 -2.34
N GLY A 267 -3.92 32.80 -3.62
CA GLY A 267 -3.44 34.08 -4.10
C GLY A 267 -2.61 33.95 -5.36
N GLY A 268 -2.41 35.11 -6.00
CA GLY A 268 -1.67 35.20 -7.24
C GLY A 268 -0.58 36.26 -7.19
N ARG A 269 0.10 36.37 -6.05
CA ARG A 269 1.05 37.45 -5.82
C ARG A 269 2.50 37.04 -6.11
N GLY A 270 2.72 35.95 -6.85
CA GLY A 270 4.03 35.61 -7.34
C GLY A 270 4.76 34.55 -6.54
N TRP A 271 4.40 34.38 -5.26
CA TRP A 271 4.95 33.38 -4.33
C TRP A 271 6.48 33.44 -4.22
N GLY A 272 7.03 34.64 -4.42
CA GLY A 272 8.45 34.88 -4.28
C GLY A 272 9.26 34.53 -5.51
N ASN A 273 8.61 34.02 -6.56
CA ASN A 273 9.32 33.63 -7.76
C ASN A 273 8.70 34.24 -9.02
N ASN A 274 7.87 35.26 -8.87
CA ASN A 274 7.20 35.92 -10.00
C ASN A 274 6.33 34.95 -10.81
N GLU A 275 5.78 33.95 -10.12
CA GLU A 275 4.99 32.93 -10.79
C GLU A 275 3.69 33.53 -11.36
N LEU A 276 3.18 32.89 -12.41
CA LEU A 276 2.07 33.37 -13.23
C LEU A 276 0.71 32.87 -12.79
N GLN A 277 0.61 31.99 -11.78
CA GLN A 277 -0.64 31.34 -11.47
C GLN A 277 -1.30 31.93 -10.23
N TYR A 278 -2.62 31.89 -10.23
CA TYR A 278 -3.41 32.15 -9.02
C TYR A 278 -3.75 30.81 -8.40
N TYR A 279 -3.31 30.59 -7.16
CA TYR A 279 -3.67 29.37 -6.45
C TYR A 279 -5.06 29.57 -5.85
N THR A 280 -5.98 28.66 -6.19
CA THR A 280 -7.36 28.82 -5.75
C THR A 280 -7.63 28.08 -4.43
N ASP A 281 -8.75 28.45 -3.83
CA ASP A 281 -9.17 28.03 -2.50
C ASP A 281 -10.31 27.03 -2.64
N ALA A 282 -10.01 25.75 -2.39
CA ALA A 282 -11.03 24.69 -2.34
C ALA A 282 -11.88 24.63 -3.61
N ASP A 283 -11.22 24.65 -4.77
CA ASP A 283 -11.86 24.70 -6.08
C ASP A 283 -11.58 23.39 -6.81
N SER A 284 -12.63 22.60 -7.02
CA SER A 284 -12.47 21.27 -7.61
C SER A 284 -11.89 21.33 -9.01
N ALA A 285 -11.84 22.50 -9.63
CA ALA A 285 -11.24 22.63 -10.95
C ALA A 285 -9.72 22.50 -10.91
N ASN A 286 -9.08 22.87 -9.80
CA ASN A 286 -7.63 22.78 -9.70
C ASN A 286 -7.14 21.73 -8.71
N ALA A 287 -7.96 21.33 -7.74
CA ALA A 287 -7.63 20.24 -6.82
C ALA A 287 -8.82 19.30 -6.70
N ILE A 288 -8.62 18.03 -7.07
CA ILE A 288 -9.71 17.05 -7.03
C ILE A 288 -9.12 15.68 -6.77
N VAL A 289 -9.77 14.92 -5.89
CA VAL A 289 -9.38 13.53 -5.59
C VAL A 289 -10.36 12.59 -6.26
N LYS A 290 -9.85 11.65 -7.05
CA LYS A 290 -10.72 10.75 -7.79
C LYS A 290 -9.89 9.57 -8.29
N LYS A 291 -10.51 8.38 -8.27
CA LYS A 291 -9.89 7.15 -8.78
C LYS A 291 -8.60 6.82 -8.04
N GLY A 292 -8.54 7.14 -6.75
CA GLY A 292 -7.38 6.80 -5.96
C GLY A 292 -6.20 7.76 -6.00
N ASN A 293 -6.32 8.95 -6.59
CA ASN A 293 -5.20 9.87 -6.46
C ASN A 293 -5.65 11.33 -6.49
N LEU A 294 -4.78 12.17 -5.94
CA LEU A 294 -4.97 13.60 -5.98
C LEU A 294 -4.66 14.11 -7.37
N ASN A 295 -5.50 15.01 -7.87
CA ASN A 295 -5.26 15.70 -9.13
C ASN A 295 -5.05 17.18 -8.82
N ILE A 296 -3.87 17.68 -9.15
CA ILE A 296 -3.62 19.11 -9.15
C ILE A 296 -3.58 19.53 -10.60
N ILE A 297 -4.50 20.43 -10.97
CA ILE A 297 -4.72 20.82 -12.36
C ILE A 297 -4.42 22.30 -12.51
N ALA A 298 -3.48 22.63 -13.38
CA ALA A 298 -3.29 24.02 -13.81
C ALA A 298 -4.15 24.29 -15.04
N LEU A 299 -4.83 25.44 -15.03
CA LEU A 299 -5.74 25.81 -16.09
C LEU A 299 -5.33 27.15 -16.70
N LYS A 300 -5.47 27.24 -18.02
CA LYS A 300 -5.33 28.51 -18.73
C LYS A 300 -6.65 29.25 -18.52
N ALA A 301 -6.73 30.03 -17.46
CA ALA A 301 -8.00 30.62 -17.07
C ALA A 301 -7.71 31.89 -16.29
N GLU A 302 -8.27 32.99 -16.76
CA GLU A 302 -8.12 34.26 -16.07
C GLU A 302 -8.83 34.20 -14.73
N LYS A 303 -8.17 34.68 -13.68
CA LYS A 303 -8.81 34.79 -12.38
C LYS A 303 -8.11 35.91 -11.64
N GLU A 304 -8.87 36.93 -11.27
CA GLU A 304 -8.29 38.15 -10.74
C GLU A 304 -7.23 38.68 -11.72
N ASN A 305 -6.00 38.79 -11.23
CA ASN A 305 -4.89 39.44 -11.90
C ASN A 305 -3.98 38.48 -12.68
N ARG A 306 -4.35 37.21 -12.81
CA ARG A 306 -3.45 36.26 -13.43
C ARG A 306 -4.16 35.54 -14.57
N HIS A 307 -3.34 34.98 -15.46
CA HIS A 307 -3.80 34.27 -16.64
C HIS A 307 -3.90 32.75 -16.44
N TYR A 308 -3.42 32.22 -15.31
CA TYR A 308 -3.50 30.78 -15.04
C TYR A 308 -4.00 30.52 -13.63
N THR A 309 -4.68 29.39 -13.43
CA THR A 309 -5.06 28.94 -12.09
C THR A 309 -4.48 27.57 -11.78
N SER A 310 -4.16 27.34 -10.51
CA SER A 310 -3.65 26.04 -10.08
C SER A 310 -3.95 25.86 -8.59
N ALA A 311 -3.26 24.92 -7.94
CA ALA A 311 -3.48 24.64 -6.54
C ALA A 311 -2.16 24.45 -5.81
N ARG A 312 -2.12 24.87 -4.56
CA ARG A 312 -0.98 24.68 -3.66
C ARG A 312 -1.53 24.17 -2.34
N LEU A 313 -1.30 22.89 -2.03
CA LEU A 313 -1.83 22.26 -0.82
C LEU A 313 -0.74 22.13 0.22
N VAL A 314 -1.09 22.37 1.48
CA VAL A 314 -0.11 22.28 2.56
C VAL A 314 -0.72 21.50 3.72
N THR A 315 0.10 20.73 4.42
CA THR A 315 -0.29 20.12 5.69
C THR A 315 0.09 20.96 6.90
N LYS A 316 0.47 22.22 6.70
CA LYS A 316 0.90 23.07 7.80
C LYS A 316 -0.19 23.17 8.86
N ASN A 317 0.17 22.84 10.10
CA ASN A 317 -0.70 22.84 11.29
C ASN A 317 -1.80 21.78 11.22
N LYS A 318 -1.69 20.82 10.31
CA LYS A 318 -2.53 19.63 10.28
C LYS A 318 -1.72 18.36 10.46
N PHE A 319 -0.56 18.26 9.82
CA PHE A 319 0.46 17.29 10.17
C PHE A 319 1.81 17.97 10.05
N ASP A 320 2.48 18.19 11.18
CA ASP A 320 3.82 18.74 11.23
C ASP A 320 4.74 17.73 11.88
N PHE A 321 6.01 17.70 11.46
CA PHE A 321 6.87 16.61 11.91
C PHE A 321 8.34 17.00 11.82
N LYS A 322 9.15 16.25 12.57
CA LYS A 322 10.60 16.41 12.54
C LYS A 322 11.24 15.03 12.40
N TYR A 323 12.10 14.90 11.38
CA TYR A 323 12.76 13.66 11.00
C TYR A 323 11.75 12.70 10.42
N GLY A 324 12.22 11.82 9.56
CA GLY A 324 11.36 10.75 9.05
C GLY A 324 11.68 10.39 7.62
N ARG A 325 10.93 9.42 7.13
CA ARG A 325 10.98 9.07 5.72
C ARG A 325 9.72 9.66 5.10
N VAL A 326 9.91 10.54 4.12
CA VAL A 326 8.79 11.14 3.40
C VAL A 326 8.77 10.53 2.01
N GLU A 327 7.62 9.97 1.64
CA GLU A 327 7.48 9.21 0.41
C GLU A 327 6.26 9.74 -0.33
N VAL A 328 6.46 10.18 -1.58
CA VAL A 328 5.36 10.68 -2.40
C VAL A 328 5.45 10.03 -3.77
N ARG A 329 4.37 9.39 -4.20
CA ARG A 329 4.34 8.68 -5.46
C ARG A 329 3.53 9.51 -6.44
N ALA A 330 4.14 9.88 -7.57
CA ALA A 330 3.61 10.98 -8.35
C ALA A 330 3.91 10.77 -9.83
N MET A 331 3.00 11.24 -10.66
CA MET A 331 3.20 11.31 -12.10
C MET A 331 3.15 12.78 -12.49
N LEU A 332 4.20 13.25 -13.18
CA LEU A 332 4.37 14.68 -13.38
C LEU A 332 3.59 15.16 -14.60
N PRO A 333 3.18 16.43 -14.60
CA PRO A 333 2.53 17.02 -15.77
C PRO A 333 3.56 17.42 -16.82
N LYS A 334 3.22 17.17 -18.09
CA LYS A 334 4.11 17.44 -19.20
C LYS A 334 3.88 18.84 -19.79
N GLY A 335 4.96 19.53 -20.15
CA GLY A 335 4.81 20.79 -20.84
C GLY A 335 5.80 21.86 -20.44
N ARG A 336 6.33 22.56 -21.44
CA ARG A 336 7.18 23.73 -21.20
C ARG A 336 6.38 24.84 -20.51
N GLY A 337 6.96 25.40 -19.45
CA GLY A 337 6.31 26.38 -18.61
C GLY A 337 5.89 25.87 -17.24
N LEU A 338 5.76 24.56 -17.07
CA LEU A 338 5.26 23.99 -15.81
C LEU A 338 6.38 23.84 -14.79
N TRP A 339 5.99 23.87 -13.52
CA TRP A 339 6.93 23.81 -12.40
C TRP A 339 6.25 23.11 -11.23
N PRO A 340 6.00 21.81 -11.33
CA PRO A 340 5.46 21.07 -10.18
C PRO A 340 6.51 20.89 -9.10
N ALA A 341 6.05 20.87 -7.85
CA ALA A 341 6.97 20.67 -6.74
C ALA A 341 6.31 19.85 -5.63
N ILE A 342 7.12 18.99 -5.03
CA ILE A 342 6.79 18.27 -3.79
C ILE A 342 7.89 18.65 -2.81
N TRP A 343 7.51 19.32 -1.73
CA TRP A 343 8.53 19.94 -0.88
C TRP A 343 7.97 20.19 0.51
N ALA A 344 8.80 20.81 1.35
CA ALA A 344 8.51 20.96 2.76
C ALA A 344 9.08 22.27 3.27
N LEU A 345 8.30 22.96 4.11
CA LEU A 345 8.65 24.21 4.78
C LEU A 345 8.52 24.05 6.29
N PRO A 346 9.23 24.86 7.08
CA PRO A 346 9.08 24.77 8.55
C PRO A 346 7.75 25.36 8.99
N THR A 347 7.14 24.70 9.98
CA THR A 347 5.85 25.19 10.46
C THR A 347 6.01 26.47 11.26
N ASP A 348 7.06 26.58 12.08
CA ASP A 348 7.19 27.70 13.00
C ASP A 348 8.29 28.70 12.64
N SER A 349 9.16 28.37 11.69
CA SER A 349 10.22 29.28 11.24
C SER A 349 11.01 29.83 12.44
N LYS A 350 11.54 28.91 13.25
CA LYS A 350 12.21 29.29 14.48
C LYS A 350 13.45 30.17 14.28
N TYR A 351 13.95 30.29 13.05
CA TYR A 351 15.12 31.12 12.79
C TYR A 351 14.82 32.29 11.86
N GLY A 352 13.56 32.56 11.59
CA GLY A 352 13.18 33.62 10.67
C GLY A 352 12.59 33.07 9.38
N SER A 353 12.08 33.99 8.57
CA SER A 353 11.40 33.61 7.34
C SER A 353 12.39 33.05 6.31
N TRP A 354 11.84 32.45 5.26
CA TRP A 354 12.66 31.83 4.22
C TRP A 354 13.73 32.82 3.75
N PRO A 355 15.01 32.40 3.62
CA PRO A 355 15.53 31.03 3.73
C PRO A 355 16.15 30.67 5.07
N LYS A 356 15.88 31.45 6.12
CA LYS A 356 16.62 31.29 7.36
C LYS A 356 16.18 30.04 8.13
N SER A 357 14.95 29.59 7.93
CA SER A 357 14.48 28.38 8.60
C SER A 357 14.41 27.18 7.66
N GLY A 358 14.95 27.30 6.45
CA GLY A 358 15.14 26.16 5.59
C GLY A 358 13.95 25.84 4.70
N GLU A 359 14.22 24.95 3.75
CA GLU A 359 13.22 24.36 2.86
C GLU A 359 13.85 23.11 2.29
N ILE A 360 13.05 22.06 2.10
CA ILE A 360 13.51 20.82 1.50
C ILE A 360 12.63 20.52 0.30
N ASP A 361 13.27 20.40 -0.87
CA ASP A 361 12.58 20.08 -2.12
C ASP A 361 12.79 18.60 -2.42
N ILE A 362 11.76 17.79 -2.16
CA ILE A 362 11.84 16.36 -2.41
C ILE A 362 11.79 16.09 -3.91
N MET A 363 11.01 16.88 -4.64
CA MET A 363 10.91 16.75 -6.08
C MET A 363 10.59 18.14 -6.63
N GLU A 364 11.41 18.60 -7.56
CA GLU A 364 11.09 19.73 -8.42
C GLU A 364 11.39 19.34 -9.87
N HIS A 365 10.59 19.89 -10.77
CA HIS A 365 10.75 19.62 -12.18
C HIS A 365 10.32 20.86 -12.94
N VAL A 366 11.10 21.26 -13.94
CA VAL A 366 10.70 22.33 -14.85
C VAL A 366 10.50 21.69 -16.22
N GLY A 367 9.30 21.85 -16.77
CA GLY A 367 8.89 21.19 -17.99
C GLY A 367 9.67 21.58 -19.24
N PHE A 368 10.46 22.65 -19.20
CA PHE A 368 11.27 22.94 -20.37
C PHE A 368 12.50 22.05 -20.46
N ASP A 369 12.81 21.31 -19.41
CA ASP A 369 13.92 20.35 -19.41
C ASP A 369 13.36 19.01 -18.95
N PRO A 370 12.83 18.21 -19.88
CA PRO A 370 12.12 16.99 -19.47
C PRO A 370 13.01 15.94 -18.83
N ASP A 371 14.31 15.96 -19.10
CA ASP A 371 15.19 14.89 -18.64
C ASP A 371 15.76 15.13 -17.26
N SER A 372 15.24 16.09 -16.48
CA SER A 372 15.80 16.29 -15.15
C SER A 372 14.69 16.43 -14.11
N VAL A 373 14.84 15.69 -13.02
CA VAL A 373 14.10 15.93 -11.78
C VAL A 373 15.13 16.26 -10.71
N HIS A 374 14.82 17.25 -9.88
CA HIS A 374 15.79 17.86 -8.96
C HIS A 374 15.34 17.66 -7.52
N GLY A 375 16.31 17.47 -6.63
CA GLY A 375 16.11 17.61 -5.20
C GLY A 375 17.11 18.61 -4.67
N THR A 376 16.68 19.42 -3.70
CA THR A 376 17.44 20.58 -3.24
C THR A 376 17.14 20.87 -1.77
N VAL A 377 18.15 21.32 -1.03
CA VAL A 377 17.94 21.95 0.27
C VAL A 377 18.28 23.41 0.14
N HIS A 378 17.60 24.22 0.95
CA HIS A 378 17.84 25.66 1.06
C HIS A 378 17.98 25.99 2.53
N THR A 379 19.06 26.69 2.88
CA THR A 379 19.31 27.18 4.22
C THR A 379 19.76 28.64 4.11
N GLU A 380 19.99 29.28 5.27
CA GLU A 380 20.44 30.67 5.26
C GLU A 380 21.71 30.82 4.45
N LYS A 381 22.61 29.84 4.54
CA LYS A 381 23.87 29.87 3.80
C LYS A 381 23.77 29.26 2.40
N PHE A 382 22.87 28.28 2.21
CA PHE A 382 22.86 27.46 1.00
C PHE A 382 21.50 27.61 0.32
N ASN A 383 21.32 28.66 -0.48
CA ASN A 383 20.03 28.85 -1.12
C ASN A 383 20.21 29.49 -2.49
N HIS A 384 19.10 29.54 -3.24
CA HIS A 384 19.14 29.94 -4.64
C HIS A 384 19.23 31.46 -4.82
N VAL A 385 18.85 32.24 -3.81
CA VAL A 385 18.91 33.70 -3.98
C VAL A 385 20.37 34.15 -4.08
N ILE A 386 21.27 33.49 -3.36
CA ILE A 386 22.69 33.80 -3.43
C ILE A 386 23.46 32.76 -4.22
N HIS A 387 22.75 31.87 -4.92
CA HIS A 387 23.34 30.86 -5.81
C HIS A 387 24.17 29.83 -5.04
N THR A 388 23.73 29.45 -3.84
CA THR A 388 24.50 28.48 -3.05
C THR A 388 23.66 27.26 -2.64
N GLN A 389 22.50 27.03 -3.27
CA GLN A 389 21.66 25.91 -2.88
C GLN A 389 22.37 24.59 -3.16
N VAL A 390 22.12 23.59 -2.31
CA VAL A 390 22.74 22.28 -2.44
C VAL A 390 21.72 21.32 -3.02
N GLY A 391 21.99 20.82 -4.22
CA GLY A 391 21.01 20.02 -4.92
C GLY A 391 21.65 19.25 -6.05
N LYS A 392 20.91 18.26 -6.54
CA LYS A 392 21.36 17.45 -7.65
C LYS A 392 20.14 17.05 -8.47
N ALA A 393 20.40 16.64 -9.71
CA ALA A 393 19.34 16.30 -10.64
C ALA A 393 19.56 14.89 -11.15
N LEU A 394 18.46 14.17 -11.33
CA LEU A 394 18.49 12.81 -11.85
C LEU A 394 17.60 12.74 -13.08
N LYS A 395 18.06 12.06 -14.12
CA LYS A 395 17.20 11.76 -15.24
C LYS A 395 16.19 10.70 -14.83
N VAL A 396 14.92 10.93 -15.13
CA VAL A 396 13.85 10.01 -14.79
C VAL A 396 13.22 9.54 -16.10
N ASN A 397 13.27 8.24 -16.36
CA ASN A 397 12.59 7.65 -17.52
C ASN A 397 11.09 7.78 -17.36
N ASN A 398 10.41 8.32 -18.38
CA ASN A 398 8.96 8.37 -18.39
C ASN A 398 8.35 9.11 -17.20
N PRO A 399 8.75 10.37 -16.94
CA PRO A 399 8.20 11.05 -15.75
C PRO A 399 6.73 11.40 -15.89
N TYR A 400 6.21 11.51 -17.11
CA TYR A 400 4.85 11.98 -17.34
C TYR A 400 3.84 10.86 -17.53
N THR A 401 4.28 9.62 -17.71
CA THR A 401 3.38 8.54 -18.04
C THR A 401 3.38 7.40 -17.04
N GLU A 402 4.27 7.42 -16.05
CA GLU A 402 4.19 6.46 -14.96
C GLU A 402 4.51 7.14 -13.64
N TYR A 403 4.04 6.52 -12.57
CA TYR A 403 4.34 7.01 -11.23
C TYR A 403 5.78 6.70 -10.86
N HIS A 404 6.42 7.66 -10.19
CA HIS A 404 7.69 7.42 -9.54
C HIS A 404 7.59 7.83 -8.08
N ILE A 405 8.44 7.24 -7.26
CA ILE A 405 8.44 7.50 -5.84
C ILE A 405 9.55 8.49 -5.55
N TYR A 406 9.17 9.69 -5.14
CA TYR A 406 10.10 10.73 -4.72
C TYR A 406 10.15 10.72 -3.20
N ALA A 407 11.34 10.59 -2.64
CA ALA A 407 11.44 10.33 -1.22
C ALA A 407 12.63 11.04 -0.61
N ILE A 408 12.50 11.40 0.67
CA ILE A 408 13.64 11.74 1.51
C ILE A 408 13.65 10.89 2.76
N GLU A 409 14.85 10.71 3.33
CA GLU A 409 15.04 10.17 4.67
C GLU A 409 15.84 11.20 5.45
N TRP A 410 15.24 11.71 6.51
CA TRP A 410 15.72 12.90 7.20
C TRP A 410 16.11 12.51 8.63
N PHE A 411 17.39 12.63 8.94
CA PHE A 411 17.95 12.22 10.23
C PHE A 411 18.51 13.43 10.98
N THR A 412 18.96 13.19 12.22
CA THR A 412 19.52 14.29 13.02
C THR A 412 20.75 14.89 12.35
N ASP A 413 21.48 14.10 11.56
CA ASP A 413 22.76 14.53 11.04
C ASP A 413 22.85 14.55 9.51
N HIS A 414 21.82 14.10 8.79
CA HIS A 414 21.85 14.20 7.33
C HIS A 414 20.45 13.96 6.76
N ILE A 415 20.31 14.29 5.48
CA ILE A 415 19.11 14.04 4.69
C ILE A 415 19.52 13.35 3.40
N ASP A 416 18.91 12.18 3.12
CA ASP A 416 19.11 11.46 1.87
C ASP A 416 17.93 11.67 0.93
N PHE A 417 18.21 11.76 -0.36
CA PHE A 417 17.19 11.96 -1.38
C PHE A 417 17.14 10.73 -2.30
N PHE A 418 15.91 10.28 -2.60
CA PHE A 418 15.74 9.08 -3.43
C PHE A 418 14.73 9.33 -4.53
N ILE A 419 14.99 8.76 -5.70
CA ILE A 419 13.99 8.56 -6.73
C ILE A 419 13.94 7.06 -7.01
N ASP A 420 12.82 6.43 -6.70
CA ASP A 420 12.65 4.99 -6.86
C ASP A 420 13.81 4.22 -6.23
N ASP A 421 13.99 4.44 -4.93
CA ASP A 421 15.10 3.90 -4.11
C ASP A 421 16.48 3.94 -4.77
N GLN A 422 16.72 4.90 -5.66
CA GLN A 422 18.07 5.32 -5.99
C GLN A 422 18.38 6.58 -5.17
N LYS A 423 19.35 6.46 -4.26
CA LYS A 423 19.85 7.61 -3.52
C LYS A 423 20.75 8.43 -4.43
N TYR A 424 20.47 9.73 -4.57
CA TYR A 424 21.26 10.56 -5.46
C TYR A 424 21.83 11.80 -4.79
N LEU A 425 21.52 12.06 -3.53
CA LEU A 425 21.98 13.27 -2.87
C LEU A 425 21.92 13.08 -1.36
N THR A 426 22.98 13.50 -0.68
CA THR A 426 23.01 13.53 0.78
C THR A 426 23.41 14.93 1.20
N PHE A 427 22.58 15.57 2.04
CA PHE A 427 22.94 16.85 2.65
C PHE A 427 23.30 16.59 4.11
N LYS A 428 24.57 16.81 4.45
CA LYS A 428 25.10 16.51 5.78
C LYS A 428 24.98 17.72 6.70
N ASN A 429 24.55 17.47 7.94
CA ASN A 429 24.66 18.45 9.00
C ASN A 429 26.12 18.81 9.26
N THR A 430 26.51 20.05 8.97
CA THR A 430 27.88 20.46 9.22
C THR A 430 28.16 20.70 10.70
N GLN A 431 27.13 20.80 11.53
CA GLN A 431 27.24 21.05 12.97
C GLN A 431 27.86 22.40 13.27
N LYS A 432 27.71 23.35 12.35
CA LYS A 432 28.20 24.71 12.57
C LYS A 432 27.05 25.68 12.77
N GLY A 433 25.85 25.19 13.02
CA GLY A 433 24.75 26.03 13.45
C GLY A 433 23.57 25.98 12.48
N SER A 434 22.58 26.82 12.79
CA SER A 434 21.29 26.80 12.12
C SER A 434 21.31 27.42 10.71
N GLY A 435 22.26 28.31 10.42
CA GLY A 435 22.44 28.74 9.03
C GLY A 435 22.90 27.64 8.10
N ASP A 436 23.56 26.61 8.65
CA ASP A 436 23.95 25.43 7.89
C ASP A 436 22.94 24.31 7.98
N TRP A 437 22.20 24.25 9.10
CA TRP A 437 21.31 23.13 9.39
C TRP A 437 20.13 23.65 10.22
N PRO A 438 19.08 24.13 9.55
CA PRO A 438 17.88 24.61 10.27
C PRO A 438 16.82 23.55 10.51
N PHE A 439 17.11 22.28 10.31
CA PHE A 439 16.02 21.32 10.24
C PHE A 439 15.64 20.83 11.65
N ASP A 440 14.43 21.27 12.11
CA ASP A 440 13.80 20.82 13.37
C ASP A 440 12.27 20.63 13.33
N GLN A 441 11.47 21.20 12.41
CA GLN A 441 10.04 20.84 12.33
C GLN A 441 9.27 21.42 11.13
N ASN A 442 8.87 20.56 10.18
CA ASN A 442 8.41 20.98 8.87
C ASN A 442 7.04 20.36 8.55
N PHE A 443 6.47 20.76 7.42
CA PHE A 443 5.22 20.21 6.87
C PHE A 443 5.34 20.12 5.35
N HIS A 444 4.36 19.47 4.71
CA HIS A 444 4.40 19.17 3.29
C HIS A 444 3.58 20.12 2.43
N ILE A 445 4.08 20.34 1.22
CA ILE A 445 3.44 21.19 0.23
C ILE A 445 3.47 20.49 -1.13
N LEU A 446 2.32 20.41 -1.78
CA LEU A 446 2.20 19.96 -3.17
C LEU A 446 1.63 21.12 -3.98
N ASN A 447 2.26 21.44 -5.11
CA ASN A 447 1.82 22.56 -5.92
C ASN A 447 2.18 22.32 -7.37
N LEU A 448 1.52 23.06 -8.27
CA LEU A 448 1.86 23.07 -9.69
C LEU A 448 1.95 24.54 -10.09
N ALA A 449 3.16 25.10 -10.04
CA ALA A 449 3.40 26.46 -10.46
C ALA A 449 3.44 26.56 -11.98
N VAL A 450 3.09 27.74 -12.49
CA VAL A 450 3.18 28.04 -13.92
C VAL A 450 4.12 29.23 -14.07
N GLY A 451 5.08 29.11 -14.98
CA GLY A 451 6.02 30.21 -15.18
C GLY A 451 6.96 30.33 -14.00
N GLY A 452 7.25 31.58 -13.62
CA GLY A 452 8.19 31.85 -12.55
C GLY A 452 9.63 31.93 -13.01
N ASN A 453 10.48 32.40 -12.08
CA ASN A 453 11.88 32.67 -12.39
C ASN A 453 12.62 31.42 -12.86
N TRP A 454 12.34 30.25 -12.27
CA TRP A 454 12.94 29.01 -12.80
C TRP A 454 12.09 28.43 -13.92
N GLY A 455 10.81 28.20 -13.66
CA GLY A 455 9.99 27.44 -14.58
C GLY A 455 9.62 28.16 -15.86
N GLY A 456 9.65 29.48 -15.85
CA GLY A 456 9.23 30.21 -17.02
C GLY A 456 10.34 30.68 -17.95
N LYS A 457 11.58 30.28 -17.72
CA LYS A 457 12.71 30.85 -18.45
C LYS A 457 12.57 30.72 -19.97
N LYS A 458 11.83 29.72 -20.44
CA LYS A 458 11.68 29.45 -21.88
C LYS A 458 10.23 29.64 -22.31
N GLY A 459 9.46 30.40 -21.53
CA GLY A 459 8.08 30.66 -21.87
C GLY A 459 7.17 29.54 -21.42
N VAL A 460 5.88 29.75 -21.65
CA VAL A 460 4.85 28.79 -21.32
C VAL A 460 4.24 28.31 -22.62
N ASP A 461 4.28 27.00 -22.87
CA ASP A 461 3.55 26.42 -23.99
C ASP A 461 2.06 26.45 -23.65
N ASP A 462 1.33 27.39 -24.22
CA ASP A 462 -0.07 27.56 -23.85
C ASP A 462 -0.97 26.41 -24.37
N ALA A 463 -0.42 25.46 -25.13
CA ALA A 463 -1.18 24.31 -25.61
C ALA A 463 -1.27 23.19 -24.59
N ILE A 464 -0.46 23.21 -23.53
CA ILE A 464 -0.39 22.06 -22.63
C ILE A 464 -1.51 22.03 -21.60
N PHE A 465 -2.44 22.99 -21.65
CA PHE A 465 -3.42 22.96 -20.58
C PHE A 465 -4.70 22.28 -21.06
N PRO A 466 -5.49 21.68 -20.16
CA PRO A 466 -5.24 21.53 -18.72
C PRO A 466 -4.09 20.55 -18.41
N ALA A 467 -3.30 20.91 -17.40
CA ALA A 467 -2.09 20.18 -17.05
C ALA A 467 -2.28 19.58 -15.66
N THR A 468 -2.13 18.27 -15.55
CA THR A 468 -2.48 17.53 -14.34
C THR A 468 -1.25 16.88 -13.74
N MET A 469 -0.98 17.18 -12.46
CA MET A 469 -0.06 16.39 -11.64
C MET A 469 -0.87 15.38 -10.84
N LYS A 470 -0.52 14.10 -10.97
CA LYS A 470 -1.20 13.04 -10.25
C LYS A 470 -0.34 12.60 -9.09
N VAL A 471 -0.92 12.56 -7.89
CA VAL A 471 -0.23 12.08 -6.71
C VAL A 471 -1.00 10.88 -6.13
N ASP A 472 -0.40 9.70 -6.20
CA ASP A 472 -0.98 8.47 -5.63
C ASP A 472 -1.09 8.54 -4.10
N TYR A 473 -0.05 9.03 -3.41
CA TYR A 473 -0.11 9.07 -1.95
C TYR A 473 0.99 9.96 -1.40
N VAL A 474 0.80 10.41 -0.17
CA VAL A 474 1.85 10.98 0.67
C VAL A 474 1.91 10.16 1.96
N ARG A 475 3.06 9.55 2.24
CA ARG A 475 3.27 8.72 3.42
C ARG A 475 4.46 9.27 4.21
N VAL A 476 4.31 9.37 5.53
CA VAL A 476 5.41 9.84 6.38
C VAL A 476 5.68 8.77 7.44
N PHE A 477 6.87 8.17 7.36
CA PHE A 477 7.37 7.21 8.33
C PHE A 477 8.32 7.89 9.31
N GLN A 478 8.41 7.32 10.52
CA GLN A 478 9.36 7.77 11.53
C GLN A 478 9.86 6.55 12.30
N LYS A 479 11.00 6.71 12.96
CA LYS A 479 11.62 5.61 13.72
C LYS A 479 11.03 5.52 15.12
C2 BGC B . 18.39 27.61 -10.38
C3 BGC B . 19.03 26.53 -9.51
C4 BGC B . 18.82 25.15 -10.12
C5 BGC B . 19.29 25.15 -11.58
C6 BGC B . 19.06 23.79 -12.22
C1 BGC B . 18.88 27.47 -11.82
O1 BGC B . 18.23 28.45 -12.64
O2 BGC B . 18.72 28.90 -9.88
O3 BGC B . 18.51 26.58 -8.18
O4 BGC B . 19.54 24.17 -9.39
O5 BGC B . 18.60 26.17 -12.31
O6 BGC B . 20.15 22.93 -11.91
C2 BGC B . 16.81 25.28 -7.09
C3 BGC B . 15.31 25.06 -6.87
C4 BGC B . 14.59 26.40 -6.74
C5 BGC B . 14.94 27.31 -7.90
C6 BGC B . 14.23 28.64 -7.79
C1 BGC B . 17.10 26.32 -8.17
O2 BGC B . 17.42 24.04 -7.44
O3 BGC B . 15.11 24.29 -5.68
O4 BGC B . 13.17 26.17 -6.73
O5 BGC B . 16.36 27.51 -7.89
O6 BGC B . 14.82 29.58 -8.71
C2 BGC C . 12.05 27.40 -3.44
C3 BGC C . 10.73 28.07 -3.32
C4 BGC C . 9.76 27.31 -4.22
C5 BGC C . 9.78 25.81 -3.96
C6 BGC C . 8.86 25.02 -4.89
C1 BGC C . 11.70 26.03 -2.90
O1 BGC C . 12.71 25.40 -2.18
O2 BGC C . 13.03 28.02 -2.69
O3 BGC C . 10.81 29.43 -3.60
O4 BGC C . 8.46 27.74 -4.04
O5 BGC C . 11.11 25.33 -3.95
O6 BGC C . 9.32 24.99 -6.20
C2 BGC C . 10.87 31.67 -2.84
C3 BGC C . 10.81 32.56 -1.62
C4 BGC C . 9.60 32.22 -0.79
C5 BGC C . 9.62 30.74 -0.49
C6 BGC C . 8.52 30.29 0.45
C1 BGC C . 10.71 30.23 -2.44
O2 BGC C . 12.08 31.84 -3.51
O3 BGC C . 10.65 33.84 -2.14
O4 BGC C . 9.68 32.91 0.43
O5 BGC C . 9.53 30.08 -1.71
O6 BGC C . 7.27 30.53 -0.11
C2 BGC C . 12.12 35.69 -2.59
C3 BGC C . 13.13 36.56 -1.82
C4 BGC C . 12.49 37.05 -0.54
C5 BGC C . 12.03 35.90 0.31
C6 BGC C . 11.22 36.45 1.47
C1 BGC C . 11.67 34.62 -1.61
O2 BGC C . 12.65 35.11 -3.76
O3 BGC C . 13.49 37.75 -2.49
O4 BGC C . 13.41 37.78 0.24
O5 BGC C . 11.12 35.20 -0.46
O6 BGC C . 10.61 35.38 2.19
#